data_7O9Y
#
_entry.id   7O9Y
#
_cell.length_a   68.430
_cell.length_b   68.430
_cell.length_c   284.450
_cell.angle_alpha   90.00
_cell.angle_beta   90.00
_cell.angle_gamma   120.00
#
_symmetry.space_group_name_H-M   'P 65 2 2'
#
loop_
_entity.id
_entity.type
_entity.pdbx_description
1 polymer 'Dual specificity protein kinase CLK1'
2 non-polymer 4-(1~{H}-indol-3-yl)pyrimidin-2-amine
3 water water
#
_entity_poly.entity_id   1
_entity_poly.type   'polypeptide(L)'
_entity_poly.pdbx_seq_one_letter_code
;HLICQSGDVLSARYEIVDTLGEGAFGKVVECIDHKAGGRHVAVKIVKNVDRYCEAARSEIQVLEHLNTTDPNSTFRCVQM
LEWFEHHGHICIVFELLGLSTYDFIKENGFLPFRLDHIRKMAYQICKSVNFLHSNKLTHTDLKPENILFVQSDYTEAYNP
KIKRDERTLINPDIKVVDFGSATYDDEHHSTLVSTRHYRAPEVILALGWSQPCDVWSIGCILIEYYLGFTVFPTHDSKEH
LAMMERILGPLPKHMIQKTRKRKYFHHDRLDWDEHSSAGRYVSRRCKPLKEFMLSQDVEHERLFDLIQKMLEYDPAKRIT
LREALKHPFFDLLKKSI
;
_entity_poly.pdbx_strand_id   A
#
# COMPACT_ATOMS: atom_id res chain seq x y z
N GLN A 5 -16.26 -6.81 21.34
CA GLN A 5 -15.70 -6.14 22.56
C GLN A 5 -16.12 -4.66 22.68
N SER A 6 -16.97 -4.19 21.76
CA SER A 6 -17.67 -2.90 21.87
C SER A 6 -18.27 -2.70 23.27
N GLY A 7 -18.03 -1.53 23.88
CA GLY A 7 -18.38 -1.28 25.28
C GLY A 7 -17.20 -1.39 26.26
N ASP A 8 -16.17 -2.16 25.91
CA ASP A 8 -14.95 -2.21 26.74
C ASP A 8 -14.31 -0.81 26.84
N VAL A 9 -13.55 -0.61 27.92
CA VAL A 9 -12.95 0.68 28.24
C VAL A 9 -11.49 0.49 28.56
N LEU A 10 -10.63 1.17 27.82
CA LEU A 10 -9.21 0.96 27.82
C LEU A 10 -8.60 2.13 28.57
N SER A 11 -7.66 1.84 29.46
CA SER A 11 -6.89 2.91 30.12
C SER A 11 -7.79 3.89 30.87
N ALA A 12 -8.97 3.37 31.27
CA ALA A 12 -10.04 4.13 31.95
C ALA A 12 -10.52 5.41 31.24
N ARG A 13 -10.42 5.50 29.91
CA ARG A 13 -10.97 6.65 29.22
C ARG A 13 -11.51 6.37 27.81
N TYR A 14 -11.05 5.31 27.18
CA TYR A 14 -11.33 5.11 25.76
C TYR A 14 -12.33 3.99 25.69
N GLU A 15 -13.55 4.35 25.31
CA GLU A 15 -14.60 3.36 25.15
C GLU A 15 -14.79 3.02 23.71
N ILE A 16 -14.76 1.72 23.44
CA ILE A 16 -14.86 1.22 22.11
C ILE A 16 -16.27 1.48 21.61
N VAL A 17 -16.38 1.96 20.37
CA VAL A 17 -17.69 2.17 19.73
C VAL A 17 -17.84 1.56 18.34
N ASP A 18 -16.76 1.07 17.73
CA ASP A 18 -16.85 0.47 16.40
C ASP A 18 -15.51 -0.17 15.97
N THR A 19 -15.55 -1.12 15.03
CA THR A 19 -14.34 -1.69 14.46
C THR A 19 -14.07 -1.09 13.10
N LEU A 20 -12.86 -0.54 12.94
CA LEU A 20 -12.50 0.16 11.74
C LEU A 20 -11.79 -0.80 10.80
N GLY A 21 -10.89 -1.61 11.32
CA GLY A 21 -10.21 -2.59 10.51
C GLY A 21 -9.79 -3.78 11.36
N GLU A 22 -9.27 -4.78 10.66
CA GLU A 22 -8.80 -6.02 11.26
C GLU A 22 -7.61 -6.50 10.44
N GLY A 23 -6.74 -7.28 11.08
CA GLY A 23 -5.49 -7.71 10.46
C GLY A 23 -4.92 -8.89 11.21
N ALA A 24 -3.88 -9.47 10.64
CA ALA A 24 -3.06 -10.47 11.33
C ALA A 24 -2.85 -10.09 12.80
N PHE A 25 -2.47 -8.84 13.00
CA PHE A 25 -2.12 -8.28 14.29
C PHE A 25 -3.20 -8.24 15.37
N GLY A 26 -4.46 -8.22 14.96
CA GLY A 26 -5.51 -7.76 15.88
C GLY A 26 -6.56 -6.89 15.19
N LYS A 27 -6.96 -5.82 15.85
CA LYS A 27 -7.90 -4.87 15.27
C LYS A 27 -7.63 -3.40 15.58
N VAL A 28 -8.20 -2.56 14.74
CA VAL A 28 -8.26 -1.14 14.99
C VAL A 28 -9.72 -0.77 15.26
N VAL A 29 -9.94 -0.12 16.40
CA VAL A 29 -11.27 0.33 16.79
C VAL A 29 -11.39 1.83 16.95
N GLU A 30 -12.59 2.31 16.76
CA GLU A 30 -12.90 3.72 17.06
C GLU A 30 -13.30 3.81 18.51
N CYS A 31 -12.74 4.75 19.26
CA CYS A 31 -13.15 5.00 20.65
C CYS A 31 -13.62 6.40 20.91
N ILE A 32 -14.56 6.55 21.87
CA ILE A 32 -14.85 7.83 22.47
C ILE A 32 -13.84 8.09 23.57
N ASP A 33 -13.29 9.29 23.64
CA ASP A 33 -12.35 9.65 24.70
C ASP A 33 -13.06 10.43 25.77
N HIS A 34 -13.42 9.74 26.86
CA HIS A 34 -14.20 10.33 27.95
C HIS A 34 -13.44 11.42 28.72
N LYS A 35 -12.10 11.43 28.63
CA LYS A 35 -11.35 12.53 29.24
C LYS A 35 -11.01 13.69 28.30
N ALA A 36 -11.44 13.65 27.04
CA ALA A 36 -11.32 14.81 26.14
C ALA A 36 -12.63 15.11 25.35
N GLY A 37 -13.70 15.36 26.10
CA GLY A 37 -14.95 15.92 25.57
C GLY A 37 -15.74 14.93 24.73
N GLY A 38 -15.39 13.65 24.85
CA GLY A 38 -15.98 12.59 24.06
C GLY A 38 -15.52 12.57 22.61
N ARG A 39 -14.46 13.33 22.27
CA ARG A 39 -13.95 13.39 20.88
C ARG A 39 -13.45 12.00 20.51
N HIS A 40 -13.40 11.68 19.21
CA HIS A 40 -13.12 10.29 18.81
C HIS A 40 -11.69 10.10 18.34
N VAL A 41 -11.14 8.96 18.68
CA VAL A 41 -9.77 8.56 18.32
C VAL A 41 -9.81 7.13 17.78
N ALA A 42 -8.74 6.68 17.11
CA ALA A 42 -8.59 5.27 16.72
C ALA A 42 -7.62 4.61 17.68
N VAL A 43 -7.86 3.34 17.99
CA VAL A 43 -6.94 2.58 18.80
C VAL A 43 -6.66 1.23 18.17
N LYS A 44 -5.40 0.91 17.99
CA LYS A 44 -4.97 -0.34 17.52
C LYS A 44 -4.75 -1.25 18.74
N ILE A 45 -5.46 -2.39 18.79
CA ILE A 45 -5.38 -3.31 19.91
C ILE A 45 -4.80 -4.58 19.37
N VAL A 46 -3.62 -4.93 19.90
CA VAL A 46 -2.79 -5.93 19.30
C VAL A 46 -2.96 -7.23 20.06
N LYS A 47 -2.98 -8.36 19.34
CA LYS A 47 -3.19 -9.68 19.99
C LYS A 47 -2.12 -9.96 20.98
N ASN A 48 -2.46 -10.79 21.98
CA ASN A 48 -1.47 -11.15 23.00
C ASN A 48 -0.65 -12.37 22.55
N VAL A 49 0.21 -12.12 21.60
CA VAL A 49 0.93 -13.16 20.86
C VAL A 49 2.28 -12.51 20.55
N ASP A 50 3.36 -13.27 20.73
CA ASP A 50 4.73 -12.67 20.71
C ASP A 50 5.01 -11.87 19.47
N ARG A 51 4.78 -12.50 18.33
CA ARG A 51 5.19 -11.85 17.08
C ARG A 51 4.48 -10.54 16.88
N TYR A 52 3.22 -10.47 17.30
CA TYR A 52 2.47 -9.20 17.13
C TYR A 52 2.81 -8.20 18.19
N CYS A 53 3.06 -8.66 19.43
CA CYS A 53 3.58 -7.75 20.44
C CYS A 53 4.85 -7.04 19.99
N GLU A 54 5.78 -7.82 19.43
CA GLU A 54 7.12 -7.32 19.04
C GLU A 54 7.04 -6.34 17.85
N ALA A 55 6.16 -6.68 16.90
CA ALA A 55 5.80 -5.75 15.82
C ALA A 55 5.18 -4.46 16.36
N ALA A 56 4.20 -4.54 17.28
CA ALA A 56 3.72 -3.30 17.85
C ALA A 56 4.80 -2.51 18.57
N ARG A 57 5.71 -3.15 19.29
CA ARG A 57 6.74 -2.39 19.99
C ARG A 57 7.62 -1.70 18.98
N SER A 58 7.95 -2.39 17.90
CA SER A 58 8.68 -1.82 16.74
C SER A 58 7.97 -0.62 16.12
N GLU A 59 6.69 -0.80 15.85
CA GLU A 59 5.82 0.30 15.42
C GLU A 59 5.88 1.51 16.30
N ILE A 60 5.79 1.34 17.61
CA ILE A 60 5.84 2.48 18.51
C ILE A 60 7.19 3.22 18.43
N GLN A 61 8.26 2.46 18.33
CA GLN A 61 9.60 3.03 18.26
C GLN A 61 9.75 3.82 16.92
N VAL A 62 9.27 3.24 15.83
CA VAL A 62 9.24 3.98 14.56
C VAL A 62 8.38 5.27 14.66
N LEU A 63 7.18 5.14 15.19
CA LEU A 63 6.28 6.28 15.32
C LEU A 63 6.89 7.38 16.22
N GLU A 64 7.48 7.03 17.35
CA GLU A 64 8.14 8.03 18.18
C GLU A 64 9.22 8.79 17.40
N HIS A 65 10.00 8.06 16.60
CA HIS A 65 11.09 8.63 15.74
C HIS A 65 10.41 9.53 14.74
N LEU A 66 9.43 9.01 13.99
CA LEU A 66 8.83 9.85 12.96
C LEU A 66 8.08 11.05 13.52
N ASN A 67 7.37 10.88 14.64
CA ASN A 67 6.68 11.98 15.29
C ASN A 67 7.61 13.06 15.86
N THR A 68 8.82 12.68 16.29
CA THR A 68 9.79 13.64 16.78
C THR A 68 10.38 14.44 15.65
N THR A 69 10.74 13.77 14.56
CA THR A 69 11.26 14.42 13.37
C THR A 69 10.25 15.32 12.64
N ASP A 70 9.00 14.85 12.58
CA ASP A 70 7.93 15.50 11.81
C ASP A 70 6.67 15.58 12.67
N PRO A 71 6.68 16.45 13.68
CA PRO A 71 5.54 16.44 14.64
C PRO A 71 4.21 16.90 14.06
N ASN A 72 4.26 17.58 12.91
CA ASN A 72 3.08 18.09 12.24
C ASN A 72 2.57 17.18 11.13
N SER A 73 3.27 16.08 10.90
CA SER A 73 2.84 15.12 9.89
C SER A 73 2.81 15.84 8.54
N THR A 74 3.80 16.70 8.29
CA THR A 74 4.03 17.26 6.99
C THR A 74 4.17 16.17 5.92
N PHE A 75 4.81 15.07 6.27
CA PHE A 75 5.03 13.92 5.39
C PHE A 75 3.99 12.79 5.55
N ARG A 76 2.89 13.13 6.20
CA ARG A 76 1.65 12.34 6.16
C ARG A 76 1.73 10.89 6.66
N CYS A 77 2.62 10.59 7.60
CA CYS A 77 2.52 9.37 8.41
C CYS A 77 1.44 9.62 9.50
N VAL A 78 0.65 8.59 9.80
CA VAL A 78 -0.34 8.67 10.87
C VAL A 78 0.31 9.09 12.21
N GLN A 79 -0.41 9.92 12.95
CA GLN A 79 0.08 10.43 14.22
C GLN A 79 -0.35 9.56 15.37
N MET A 80 0.62 9.06 16.12
CA MET A 80 0.37 8.37 17.38
C MET A 80 0.25 9.45 18.44
N LEU A 81 -0.80 9.33 19.25
CA LEU A 81 -1.08 10.26 20.33
C LEU A 81 -0.55 9.77 21.68
N GLU A 82 -0.63 8.45 21.91
CA GLU A 82 -0.10 7.75 23.07
C GLU A 82 -0.13 6.22 22.86
N TRP A 83 0.45 5.44 23.78
CA TRP A 83 0.35 3.99 23.75
C TRP A 83 0.35 3.46 25.19
N PHE A 84 -0.29 2.32 25.39
CA PHE A 84 -0.37 1.64 26.70
C PHE A 84 -0.67 0.13 26.59
N GLU A 85 -0.52 -0.60 27.69
CA GLU A 85 -0.98 -2.00 27.77
C GLU A 85 -2.34 -2.18 28.48
N HIS A 86 -3.15 -3.13 27.98
CA HIS A 86 -4.48 -3.41 28.53
C HIS A 86 -4.84 -4.90 28.42
N HIS A 87 -4.75 -5.62 29.54
CA HIS A 87 -4.97 -7.07 29.60
C HIS A 87 -3.97 -7.82 28.71
N GLY A 88 -2.72 -7.34 28.74
CA GLY A 88 -1.59 -7.92 27.98
C GLY A 88 -1.57 -7.58 26.49
N HIS A 89 -2.50 -6.72 26.06
CA HIS A 89 -2.58 -6.21 24.69
C HIS A 89 -1.97 -4.80 24.67
N ILE A 90 -1.00 -4.58 23.79
CA ILE A 90 -0.45 -3.29 23.55
C ILE A 90 -1.56 -2.55 22.76
N CYS A 91 -1.89 -1.37 23.20
CA CYS A 91 -2.83 -0.51 22.51
C CYS A 91 -2.12 0.80 22.08
N ILE A 92 -2.23 1.13 20.79
CA ILE A 92 -1.66 2.36 20.23
C ILE A 92 -2.79 3.30 19.82
N VAL A 93 -2.84 4.50 20.38
CA VAL A 93 -3.91 5.46 20.07
C VAL A 93 -3.42 6.42 19.00
N PHE A 94 -4.25 6.58 17.96
CA PHE A 94 -4.00 7.41 16.79
C PHE A 94 -5.08 8.50 16.62
N GLU A 95 -4.74 9.55 15.92
CA GLU A 95 -5.69 10.47 15.35
C GLU A 95 -6.70 9.64 14.53
N LEU A 96 -7.96 10.02 14.55
CA LEU A 96 -8.96 9.28 13.75
C LEU A 96 -8.90 9.75 12.30
N LEU A 97 -8.65 8.79 11.41
CA LEU A 97 -8.65 8.99 9.96
C LEU A 97 -10.01 8.46 9.48
N GLY A 98 -10.23 8.65 8.18
CA GLY A 98 -11.45 8.17 7.53
C GLY A 98 -11.16 6.86 6.86
N LEU A 99 -11.93 6.50 5.84
CA LEU A 99 -11.76 5.20 5.20
C LEU A 99 -10.44 5.00 4.49
N SER A 100 -10.01 3.76 4.45
CA SER A 100 -8.92 3.43 3.59
C SER A 100 -9.32 3.65 2.13
N THR A 101 -8.31 3.84 1.31
CA THR A 101 -8.53 3.94 -0.14
C THR A 101 -9.18 2.67 -0.70
N TYR A 102 -8.83 1.50 -0.19
CA TYR A 102 -9.49 0.28 -0.55
C TYR A 102 -11.00 0.34 -0.26
N ASP A 103 -11.33 0.67 0.98
CA ASP A 103 -12.75 0.70 1.40
C ASP A 103 -13.53 1.74 0.61
N PHE A 104 -12.90 2.86 0.27
CA PHE A 104 -13.63 3.87 -0.48
C PHE A 104 -14.00 3.35 -1.87
N ILE A 105 -13.05 2.71 -2.52
CA ILE A 105 -13.23 2.19 -3.87
C ILE A 105 -14.28 1.06 -3.84
N LYS A 106 -14.17 0.16 -2.86
CA LYS A 106 -15.15 -0.92 -2.67
C LYS A 106 -16.55 -0.36 -2.55
N GLU A 107 -16.75 0.56 -1.62
CA GLU A 107 -18.07 1.16 -1.40
C GLU A 107 -18.59 1.96 -2.60
N ASN A 108 -17.70 2.34 -3.52
CA ASN A 108 -18.05 3.06 -4.75
C ASN A 108 -18.26 2.08 -5.91
N GLY A 109 -18.31 0.77 -5.65
CA GLY A 109 -18.54 -0.22 -6.68
C GLY A 109 -17.34 -0.56 -7.49
N PHE A 110 -16.15 -0.27 -6.95
CA PHE A 110 -14.93 -0.52 -7.65
C PHE A 110 -14.74 0.38 -8.89
N LEU A 111 -15.41 1.54 -8.88
CA LEU A 111 -15.15 2.59 -9.85
C LEU A 111 -13.80 3.14 -9.53
N PRO A 112 -12.98 3.40 -10.56
CA PRO A 112 -11.64 3.97 -10.31
C PRO A 112 -11.69 5.41 -9.89
N PHE A 113 -10.57 5.90 -9.36
CA PHE A 113 -10.46 7.26 -8.92
C PHE A 113 -10.23 8.11 -10.18
N ARG A 114 -10.73 9.33 -10.16
CA ARG A 114 -10.46 10.31 -11.24
C ARG A 114 -8.97 10.63 -11.27
N LEU A 115 -8.41 10.89 -12.44
CA LEU A 115 -6.99 11.11 -12.59
C LEU A 115 -6.44 12.26 -11.76
N ASP A 116 -7.20 13.34 -11.62
CA ASP A 116 -6.73 14.49 -10.85
C ASP A 116 -6.49 14.06 -9.41
N HIS A 117 -7.42 13.28 -8.89
CA HIS A 117 -7.32 12.70 -7.54
C HIS A 117 -6.17 11.72 -7.43
N ILE A 118 -5.99 10.83 -8.40
CA ILE A 118 -4.87 9.88 -8.43
C ILE A 118 -3.55 10.65 -8.38
N ARG A 119 -3.50 11.75 -9.13
CA ARG A 119 -2.26 12.56 -9.12
C ARG A 119 -1.96 13.00 -7.72
N LYS A 120 -2.95 13.53 -7.02
CA LYS A 120 -2.72 14.11 -5.67
C LYS A 120 -2.33 13.03 -4.67
N MET A 121 -2.95 11.86 -4.80
CA MET A 121 -2.74 10.75 -3.87
C MET A 121 -1.39 10.14 -4.06
N ALA A 122 -0.99 9.90 -5.33
CA ALA A 122 0.28 9.34 -5.66
C ALA A 122 1.38 10.26 -5.12
N TYR A 123 1.16 11.55 -5.25
CA TYR A 123 2.19 12.51 -4.85
C TYR A 123 2.43 12.35 -3.33
N GLN A 124 1.34 12.41 -2.59
CA GLN A 124 1.33 12.26 -1.12
C GLN A 124 1.84 10.95 -0.65
N ILE A 125 1.49 9.87 -1.36
CA ILE A 125 2.05 8.61 -1.01
C ILE A 125 3.58 8.59 -1.21
N CYS A 126 4.03 9.05 -2.37
CA CYS A 126 5.47 9.12 -2.68
C CYS A 126 6.19 10.04 -1.68
N LYS A 127 5.55 11.13 -1.28
CA LYS A 127 6.19 12.13 -0.36
C LYS A 127 6.36 11.48 1.02
N SER A 128 5.32 10.80 1.48
CA SER A 128 5.36 10.06 2.74
C SER A 128 6.39 8.93 2.78
N VAL A 129 6.39 8.03 1.79
CA VAL A 129 7.28 6.93 1.78
C VAL A 129 8.75 7.41 1.55
N ASN A 130 8.94 8.42 0.73
CA ASN A 130 10.22 8.98 0.57
C ASN A 130 10.83 9.47 1.88
N PHE A 131 10.01 10.16 2.69
CA PHE A 131 10.38 10.60 4.08
C PHE A 131 10.90 9.39 4.81
N LEU A 132 10.15 8.30 4.76
CA LEU A 132 10.63 7.07 5.31
C LEU A 132 11.97 6.63 4.76
N HIS A 133 12.12 6.65 3.43
CA HIS A 133 13.36 6.15 2.82
C HIS A 133 14.55 7.06 3.18
N SER A 134 14.28 8.35 3.35
CA SER A 134 15.28 9.37 3.80
C SER A 134 15.80 9.10 5.20
N ASN A 135 15.05 8.30 5.98
CA ASN A 135 15.29 8.00 7.40
C ASN A 135 15.70 6.55 7.60
N LYS A 136 16.22 5.93 6.53
CA LYS A 136 16.73 4.57 6.55
C LYS A 136 15.68 3.52 6.89
N LEU A 137 14.46 3.77 6.45
CA LEU A 137 13.36 2.84 6.69
C LEU A 137 12.77 2.41 5.36
N THR A 138 12.22 1.21 5.37
CA THR A 138 11.36 0.70 4.30
C THR A 138 10.07 0.20 4.97
N HIS A 139 8.93 0.57 4.36
CA HIS A 139 7.62 0.23 4.94
C HIS A 139 7.36 -1.26 4.86
N THR A 140 7.50 -1.82 3.65
CA THR A 140 7.41 -3.20 3.26
C THR A 140 6.00 -3.75 3.02
N ASP A 141 4.99 -3.02 3.46
CA ASP A 141 3.54 -3.45 3.34
C ASP A 141 2.59 -2.39 2.83
N LEU A 142 2.99 -1.69 1.76
CA LEU A 142 2.13 -0.72 1.13
C LEU A 142 1.11 -1.43 0.28
N LYS A 143 -0.09 -0.96 0.46
CA LYS A 143 -1.29 -1.47 -0.21
C LYS A 143 -2.40 -0.46 0.05
N PRO A 144 -3.50 -0.47 -0.74
CA PRO A 144 -4.56 0.48 -0.53
C PRO A 144 -5.19 0.41 0.83
N GLU A 145 -5.11 -0.74 1.52
CA GLU A 145 -5.70 -0.84 2.83
C GLU A 145 -4.91 -0.04 3.87
N ASN A 146 -3.64 0.22 3.54
CA ASN A 146 -2.76 1.01 4.42
C ASN A 146 -2.57 2.50 4.05
N ILE A 147 -3.40 2.99 3.10
CA ILE A 147 -3.47 4.40 2.72
C ILE A 147 -4.83 4.81 3.06
N LEU A 148 -4.95 5.74 4.01
CA LEU A 148 -6.24 6.15 4.50
C LEU A 148 -6.49 7.61 4.16
N PHE A 149 -7.75 7.92 3.86
CA PHE A 149 -8.16 9.32 3.73
C PHE A 149 -8.25 9.99 5.09
N VAL A 150 -7.76 11.22 5.14
CA VAL A 150 -7.94 12.10 6.30
C VAL A 150 -9.43 12.38 6.64
N GLN A 151 -10.22 12.62 5.60
CA GLN A 151 -11.66 12.77 5.69
C GLN A 151 -12.21 12.14 4.43
N SER A 152 -13.15 11.22 4.58
CA SER A 152 -13.67 10.50 3.41
C SER A 152 -15.08 10.97 2.97
N ASP A 153 -15.45 12.19 3.38
CA ASP A 153 -16.67 12.87 2.98
C ASP A 153 -16.67 13.01 1.47
N TYR A 154 -17.85 12.98 0.90
CA TYR A 154 -17.96 12.96 -0.54
C TYR A 154 -19.26 13.64 -0.97
N THR A 155 -19.22 14.23 -2.15
CA THR A 155 -20.43 14.65 -2.83
C THR A 155 -20.76 13.57 -3.81
N GLU A 156 -22.03 13.54 -4.19
CA GLU A 156 -22.55 12.52 -5.07
C GLU A 156 -23.22 13.21 -6.25
N ALA A 157 -23.03 12.66 -7.45
CA ALA A 157 -23.65 13.22 -8.64
C ALA A 157 -23.94 12.11 -9.60
N TYR A 158 -25.03 12.26 -10.35
CA TYR A 158 -25.35 11.31 -11.40
C TYR A 158 -24.29 11.44 -12.49
N ASN A 159 -23.70 10.31 -12.89
CA ASN A 159 -22.72 10.26 -13.95
C ASN A 159 -23.45 9.63 -15.12
N PRO A 160 -23.81 10.45 -16.13
CA PRO A 160 -24.52 9.93 -17.32
C PRO A 160 -23.76 8.88 -18.14
N LYS A 161 -22.43 8.99 -18.21
CA LYS A 161 -21.61 8.03 -18.95
C LYS A 161 -21.85 6.58 -18.53
N ILE A 162 -21.82 6.36 -17.22
CA ILE A 162 -21.95 5.04 -16.64
C ILE A 162 -23.34 4.82 -16.08
N LYS A 163 -24.29 5.71 -16.38
CA LYS A 163 -25.70 5.58 -15.92
C LYS A 163 -25.89 5.30 -14.41
N ARG A 164 -25.02 5.83 -13.56
CA ARG A 164 -25.16 5.61 -12.12
C ARG A 164 -24.57 6.75 -11.28
N ASP A 165 -25.09 6.90 -10.05
CA ASP A 165 -24.58 7.84 -9.06
C ASP A 165 -23.20 7.45 -8.56
N GLU A 166 -22.28 8.41 -8.53
CA GLU A 166 -20.92 8.17 -8.04
C GLU A 166 -20.47 9.20 -7.00
N ARG A 167 -19.60 8.74 -6.12
CA ARG A 167 -19.12 9.52 -5.03
C ARG A 167 -17.80 10.16 -5.44
N THR A 168 -17.64 11.44 -5.14
CA THR A 168 -16.37 12.11 -5.34
C THR A 168 -15.95 12.69 -3.99
N LEU A 169 -14.70 12.44 -3.61
CA LEU A 169 -14.19 13.01 -2.37
C LEU A 169 -14.11 14.52 -2.44
N ILE A 170 -14.54 15.16 -1.37
CA ILE A 170 -14.40 16.60 -1.21
C ILE A 170 -12.89 16.89 -1.16
N ASN A 171 -12.18 16.23 -0.25
CA ASN A 171 -10.74 16.36 -0.05
C ASN A 171 -10.08 14.94 -0.08
N PRO A 172 -9.17 14.66 -1.04
CA PRO A 172 -8.49 13.37 -1.20
C PRO A 172 -7.17 13.18 -0.43
N ASP A 173 -6.91 14.05 0.54
CA ASP A 173 -5.67 13.96 1.28
C ASP A 173 -5.62 12.62 1.98
N ILE A 174 -4.42 12.07 2.02
CA ILE A 174 -4.23 10.75 2.66
C ILE A 174 -3.12 10.74 3.69
N LYS A 175 -3.03 9.63 4.41
CA LYS A 175 -1.92 9.35 5.33
C LYS A 175 -1.59 7.88 5.22
N VAL A 176 -0.34 7.56 5.51
CA VAL A 176 0.16 6.19 5.50
C VAL A 176 0.09 5.62 6.93
N VAL A 177 -0.40 4.40 7.04
CA VAL A 177 -0.51 3.72 8.31
C VAL A 177 0.24 2.39 8.32
N ASP A 178 0.29 1.75 9.50
CA ASP A 178 0.84 0.39 9.72
C ASP A 178 2.33 0.31 9.54
N PHE A 179 3.06 0.69 10.60
CA PHE A 179 4.51 0.62 10.64
C PHE A 179 5.06 -0.57 11.39
N GLY A 180 4.19 -1.54 11.64
CA GLY A 180 4.57 -2.84 12.20
C GLY A 180 5.59 -3.69 11.46
N SER A 181 5.73 -3.49 10.17
CA SER A 181 6.62 -4.28 9.37
C SER A 181 7.80 -3.42 8.94
N ALA A 182 7.78 -2.14 9.27
CA ALA A 182 8.78 -1.21 8.77
C ALA A 182 10.16 -1.61 9.30
N THR A 183 11.19 -1.46 8.46
CA THR A 183 12.48 -2.12 8.70
C THR A 183 13.58 -1.12 8.44
N TYR A 184 14.41 -0.83 9.44
CA TYR A 184 15.59 -0.02 9.20
C TYR A 184 16.65 -0.77 8.43
N ASP A 185 17.48 0.02 7.73
CA ASP A 185 18.49 -0.48 6.84
C ASP A 185 19.36 -1.48 7.54
N ASP A 186 19.78 -1.16 8.78
CA ASP A 186 20.69 -2.00 9.57
C ASP A 186 20.06 -3.20 10.33
N GLU A 187 18.74 -3.35 10.33
CA GLU A 187 18.05 -4.42 11.03
C GLU A 187 17.86 -5.65 10.15
N HIS A 188 17.41 -6.70 10.82
CA HIS A 188 17.09 -7.94 10.18
C HIS A 188 15.94 -7.68 9.20
N HIS A 189 16.10 -8.24 8.03
CA HIS A 189 15.14 -8.09 6.94
C HIS A 189 14.40 -9.44 6.79
N SER A 190 13.11 -9.45 7.02
CA SER A 190 12.32 -10.67 6.85
C SER A 190 12.49 -11.25 5.43
N THR A 191 12.38 -12.55 5.31
CA THR A 191 12.50 -13.25 4.04
C THR A 191 11.42 -12.86 3.05
N LEU A 192 10.20 -12.89 3.54
CA LEU A 192 9.02 -12.50 2.77
C LEU A 192 8.38 -11.24 3.30
N VAL A 193 8.17 -10.23 2.47
CA VAL A 193 7.48 -9.05 2.86
C VAL A 193 6.38 -8.77 1.87
N SER A 194 5.51 -7.85 2.23
CA SER A 194 4.42 -7.30 1.40
C SER A 194 3.29 -8.27 1.29
N THR A 195 2.14 -7.73 0.90
CA THR A 195 0.92 -8.52 0.61
C THR A 195 1.07 -8.89 -0.87
N ARG A 196 0.67 -10.10 -1.21
CA ARG A 196 1.09 -10.72 -2.48
C ARG A 196 0.94 -9.82 -3.69
N HIS A 197 -0.25 -9.24 -3.88
CA HIS A 197 -0.47 -8.43 -5.13
C HIS A 197 0.40 -7.18 -5.29
N TYR A 198 1.07 -6.78 -4.21
CA TYR A 198 1.93 -5.57 -4.15
C TYR A 198 3.41 -5.95 -4.00
N ARG A 199 3.70 -7.23 -4.07
CA ARG A 199 5.00 -7.76 -3.77
C ARG A 199 5.95 -7.70 -4.93
N ALA A 200 7.16 -7.19 -4.69
CA ALA A 200 8.16 -7.01 -5.76
C ALA A 200 8.81 -8.28 -6.17
N PRO A 201 9.33 -8.38 -7.43
CA PRO A 201 9.95 -9.62 -7.89
C PRO A 201 11.19 -10.13 -7.17
N GLU A 202 11.98 -9.18 -6.63
CA GLU A 202 13.13 -9.50 -5.80
C GLU A 202 12.71 -10.19 -4.50
N VAL A 203 11.55 -9.84 -3.99
CA VAL A 203 11.02 -10.57 -2.82
C VAL A 203 10.56 -11.97 -3.20
N ILE A 204 9.81 -12.10 -4.30
CA ILE A 204 9.33 -13.40 -4.77
C ILE A 204 10.51 -14.35 -5.02
N LEU A 205 11.61 -13.80 -5.61
CA LEU A 205 12.79 -14.56 -6.01
C LEU A 205 13.86 -14.65 -4.86
N ALA A 206 13.57 -14.03 -3.73
CA ALA A 206 14.40 -14.14 -2.53
C ALA A 206 15.79 -13.65 -2.74
N LEU A 207 15.92 -12.54 -3.46
CA LEU A 207 17.19 -11.91 -3.79
C LEU A 207 17.68 -10.94 -2.73
N GLY A 208 16.89 -10.71 -1.72
CA GLY A 208 17.10 -9.53 -0.87
C GLY A 208 16.37 -8.31 -1.33
N TRP A 209 16.02 -7.43 -0.40
CA TRP A 209 15.30 -6.24 -0.73
C TRP A 209 15.71 -5.09 0.17
N SER A 210 15.33 -3.90 -0.26
CA SER A 210 15.49 -2.62 0.45
C SER A 210 14.43 -1.64 0.00
N GLN A 211 14.68 -0.34 0.02
CA GLN A 211 13.70 0.67 -0.28
C GLN A 211 12.96 0.43 -1.63
N PRO A 212 13.66 -0.11 -2.65
CA PRO A 212 12.97 -0.23 -3.95
C PRO A 212 11.72 -1.15 -3.91
N CYS A 213 11.68 -2.11 -2.99
CA CYS A 213 10.41 -2.91 -2.89
C CYS A 213 9.17 -2.09 -2.63
N ASP A 214 9.27 -1.00 -1.86
CA ASP A 214 8.12 -0.11 -1.62
C ASP A 214 7.71 0.59 -2.89
N VAL A 215 8.70 0.90 -3.76
CA VAL A 215 8.41 1.60 -4.99
C VAL A 215 7.55 0.66 -5.92
N TRP A 216 7.92 -0.58 -5.99
CA TRP A 216 7.12 -1.57 -6.72
C TRP A 216 5.67 -1.53 -6.18
N SER A 217 5.51 -1.68 -4.87
CA SER A 217 4.15 -1.67 -4.30
C SER A 217 3.33 -0.45 -4.63
N ILE A 218 3.97 0.72 -4.69
CA ILE A 218 3.33 1.95 -5.06
C ILE A 218 2.86 1.85 -6.55
N GLY A 219 3.71 1.34 -7.40
CA GLY A 219 3.35 1.06 -8.83
C GLY A 219 2.05 0.28 -8.93
N CYS A 220 1.99 -0.76 -8.09
CA CYS A 220 0.80 -1.64 -8.11
C CYS A 220 -0.43 -0.93 -7.55
N ILE A 221 -0.28 -0.14 -6.48
CA ILE A 221 -1.31 0.67 -5.92
C ILE A 221 -1.90 1.63 -6.98
N LEU A 222 -1.02 2.29 -7.74
CA LEU A 222 -1.48 3.32 -8.65
C LEU A 222 -2.32 2.70 -9.80
N ILE A 223 -1.87 1.60 -10.34
CA ILE A 223 -2.65 0.75 -11.30
C ILE A 223 -4.06 0.44 -10.79
N GLU A 224 -4.16 -0.06 -9.56
CA GLU A 224 -5.46 -0.32 -8.96
C GLU A 224 -6.33 0.89 -8.80
N TYR A 225 -5.72 2.01 -8.43
CA TYR A 225 -6.49 3.21 -8.30
C TYR A 225 -7.07 3.58 -9.69
N TYR A 226 -6.27 3.39 -10.70
CA TYR A 226 -6.58 3.77 -12.11
C TYR A 226 -7.63 2.87 -12.77
N LEU A 227 -7.51 1.57 -12.48
CA LEU A 227 -8.38 0.55 -13.05
C LEU A 227 -9.57 0.12 -12.16
N GLY A 228 -9.38 0.16 -10.85
CA GLY A 228 -10.38 -0.30 -9.89
C GLY A 228 -10.21 -1.78 -9.55
N PHE A 229 -9.21 -2.41 -10.14
CA PHE A 229 -8.92 -3.82 -9.92
C PHE A 229 -7.43 -4.11 -10.02
N THR A 230 -6.97 -5.21 -9.44
CA THR A 230 -5.56 -5.61 -9.58
C THR A 230 -5.30 -6.16 -10.95
N VAL A 231 -4.10 -5.92 -11.46
CA VAL A 231 -3.59 -6.62 -12.64
C VAL A 231 -2.92 -7.92 -12.30
N PHE A 232 -2.86 -8.28 -10.99
CA PHE A 232 -2.28 -9.55 -10.53
C PHE A 232 -3.30 -10.33 -9.69
N PRO A 233 -4.40 -10.79 -10.33
CA PRO A 233 -5.47 -11.57 -9.69
C PRO A 233 -5.01 -13.02 -9.46
N THR A 234 -4.09 -13.20 -8.50
CA THR A 234 -3.43 -14.47 -8.29
C THR A 234 -3.18 -14.76 -6.82
N HIS A 235 -3.02 -16.04 -6.51
CA HIS A 235 -2.58 -16.48 -5.18
C HIS A 235 -1.54 -17.51 -5.29
N ASP A 236 -0.76 -17.51 -6.37
CA ASP A 236 0.26 -18.44 -6.62
C ASP A 236 1.56 -17.72 -7.13
N SER A 237 2.71 -18.07 -6.56
CA SER A 237 3.96 -17.33 -6.88
C SER A 237 4.37 -17.48 -8.35
N LYS A 238 4.35 -18.70 -8.86
CA LYS A 238 4.81 -18.92 -10.22
C LYS A 238 3.88 -18.22 -11.23
N GLU A 239 2.58 -18.31 -11.03
CA GLU A 239 1.64 -17.57 -11.83
C GLU A 239 1.76 -16.06 -11.76
N HIS A 240 2.00 -15.53 -10.54
CA HIS A 240 2.28 -14.11 -10.39
C HIS A 240 3.42 -13.64 -11.33
N LEU A 241 4.50 -14.39 -11.36
CA LEU A 241 5.62 -14.17 -12.25
C LEU A 241 5.20 -14.25 -13.70
N ALA A 242 4.37 -15.24 -14.02
CA ALA A 242 3.81 -15.32 -15.41
C ALA A 242 3.01 -14.10 -15.77
N MET A 243 2.25 -13.60 -14.83
CA MET A 243 1.48 -12.42 -15.02
C MET A 243 2.41 -11.22 -15.28
N MET A 244 3.45 -11.12 -14.45
CA MET A 244 4.42 -10.02 -14.63
C MET A 244 5.01 -10.09 -16.04
N GLU A 245 5.35 -11.30 -16.50
CA GLU A 245 5.95 -11.43 -17.85
C GLU A 245 4.98 -11.02 -18.94
N ARG A 246 3.71 -11.33 -18.76
CA ARG A 246 2.72 -10.88 -19.74
C ARG A 246 2.55 -9.36 -19.78
N ILE A 247 2.65 -8.69 -18.62
CA ILE A 247 2.33 -7.26 -18.47
C ILE A 247 3.57 -6.39 -18.83
N LEU A 248 4.73 -6.91 -18.52
CA LEU A 248 5.98 -6.13 -18.45
C LEU A 248 7.09 -6.74 -19.29
N GLY A 249 6.91 -7.95 -19.78
CA GLY A 249 7.91 -8.66 -20.55
C GLY A 249 8.76 -9.58 -19.74
N PRO A 250 9.72 -10.25 -20.37
CA PRO A 250 10.41 -11.29 -19.69
C PRO A 250 11.23 -10.72 -18.54
N LEU A 251 11.39 -11.54 -17.53
CA LEU A 251 12.28 -11.23 -16.43
C LEU A 251 13.72 -11.11 -16.92
N PRO A 252 14.50 -10.20 -16.32
CA PRO A 252 15.94 -10.15 -16.57
C PRO A 252 16.62 -11.45 -16.23
N LYS A 253 17.46 -11.92 -17.14
CA LYS A 253 18.28 -13.12 -16.98
C LYS A 253 19.09 -13.13 -15.68
N HIS A 254 19.65 -11.98 -15.32
CA HIS A 254 20.55 -11.93 -14.17
C HIS A 254 19.79 -12.24 -12.88
N MET A 255 18.52 -11.84 -12.82
CA MET A 255 17.66 -12.15 -11.66
C MET A 255 17.32 -13.61 -11.64
N ILE A 256 17.08 -14.23 -12.80
CA ILE A 256 16.79 -15.64 -12.85
C ILE A 256 18.00 -16.48 -12.46
N GLN A 257 19.19 -16.05 -12.88
CA GLN A 257 20.42 -16.70 -12.51
C GLN A 257 20.73 -16.66 -11.01
N LYS A 258 20.37 -15.57 -10.36
CA LYS A 258 20.71 -15.36 -8.96
C LYS A 258 19.81 -16.15 -8.03
N THR A 259 18.52 -16.27 -8.40
CA THR A 259 17.54 -16.89 -7.55
C THR A 259 17.83 -18.32 -7.21
N ARG A 260 17.43 -18.68 -5.99
CA ARG A 260 17.39 -20.09 -5.63
C ARG A 260 15.98 -20.74 -5.77
N LYS A 261 14.99 -20.02 -6.28
CA LYS A 261 13.58 -20.55 -6.39
C LYS A 261 13.46 -21.33 -7.71
N ARG A 262 14.24 -22.38 -7.79
CA ARG A 262 14.51 -23.10 -9.05
C ARG A 262 13.27 -23.75 -9.60
N LYS A 263 12.38 -24.12 -8.69
CA LYS A 263 11.07 -24.67 -9.00
C LYS A 263 10.23 -23.79 -9.92
N TYR A 264 10.47 -22.49 -10.00
CA TYR A 264 9.74 -21.66 -10.94
C TYR A 264 10.35 -21.61 -12.36
N PHE A 265 11.54 -22.17 -12.52
CA PHE A 265 12.31 -21.96 -13.74
C PHE A 265 12.64 -23.28 -14.39
N HIS A 266 12.70 -23.25 -15.72
CA HIS A 266 13.12 -24.40 -16.48
C HIS A 266 14.12 -23.91 -17.51
N HIS A 267 15.30 -24.54 -17.52
CA HIS A 267 16.46 -23.94 -18.12
C HIS A 267 16.60 -22.58 -17.43
N ASP A 268 16.69 -21.48 -18.17
CA ASP A 268 16.80 -20.17 -17.52
C ASP A 268 15.65 -19.30 -17.94
N ARG A 269 14.48 -19.94 -18.01
CA ARG A 269 13.23 -19.35 -18.47
C ARG A 269 12.12 -19.71 -17.46
N LEU A 270 11.11 -18.86 -17.32
CA LEU A 270 9.99 -19.19 -16.39
C LEU A 270 9.34 -20.48 -16.90
N ASP A 271 9.22 -21.46 -16.04
CA ASP A 271 8.58 -22.77 -16.32
C ASP A 271 7.05 -22.64 -16.39
N TRP A 272 6.59 -22.03 -17.49
CA TRP A 272 5.21 -21.71 -17.68
C TRP A 272 4.72 -22.21 -19.04
N ASP A 273 3.63 -22.98 -19.00
CA ASP A 273 2.91 -23.43 -20.21
C ASP A 273 1.73 -22.47 -20.57
N GLU A 274 1.89 -21.63 -21.60
CA GLU A 274 0.80 -20.68 -21.98
C GLU A 274 -0.49 -21.42 -22.44
N HIS A 275 -0.36 -22.68 -22.82
CA HIS A 275 -1.49 -23.52 -23.28
C HIS A 275 -2.24 -24.29 -22.20
N SER A 276 -1.70 -24.29 -20.98
CA SER A 276 -2.42 -24.85 -19.83
C SER A 276 -3.61 -23.98 -19.47
N SER A 277 -4.46 -24.54 -18.62
CA SER A 277 -5.62 -23.78 -18.15
C SER A 277 -5.23 -22.47 -17.40
N ALA A 278 -4.23 -22.58 -16.52
CA ALA A 278 -3.64 -21.42 -15.87
C ALA A 278 -3.07 -20.42 -16.88
N GLY A 279 -2.43 -20.94 -17.92
CA GLY A 279 -1.90 -20.18 -19.05
C GLY A 279 -2.97 -19.41 -19.75
N ARG A 280 -4.09 -20.05 -20.08
CA ARG A 280 -5.25 -19.26 -20.61
C ARG A 280 -5.74 -18.18 -19.72
N TYR A 281 -5.84 -18.48 -18.41
CA TYR A 281 -6.32 -17.53 -17.41
C TYR A 281 -5.45 -16.26 -17.42
N VAL A 282 -4.16 -16.48 -17.40
CA VAL A 282 -3.18 -15.38 -17.44
C VAL A 282 -3.33 -14.56 -18.74
N SER A 283 -3.31 -15.24 -19.88
CA SER A 283 -3.49 -14.57 -21.19
C SER A 283 -4.81 -13.80 -21.25
N ARG A 284 -5.90 -14.35 -20.71
CA ARG A 284 -7.18 -13.60 -20.62
C ARG A 284 -7.17 -12.33 -19.74
N ARG A 285 -6.55 -12.42 -18.57
CA ARG A 285 -6.70 -11.42 -17.55
C ARG A 285 -5.57 -10.37 -17.59
N CYS A 286 -4.46 -10.65 -18.26
CA CYS A 286 -3.25 -9.80 -18.20
C CYS A 286 -2.79 -9.51 -19.61
N LYS A 287 -2.32 -8.28 -19.84
CA LYS A 287 -1.88 -7.91 -21.18
C LYS A 287 -0.79 -6.86 -21.02
N PRO A 288 -0.08 -6.54 -22.09
CA PRO A 288 0.97 -5.52 -21.94
C PRO A 288 0.50 -4.29 -21.21
N LEU A 289 1.35 -3.77 -20.30
CA LEU A 289 0.94 -2.65 -19.50
C LEU A 289 0.18 -1.49 -20.17
N LYS A 290 0.70 -0.95 -21.29
CA LYS A 290 0.08 0.29 -21.85
C LYS A 290 -1.26 -0.02 -22.51
N GLU A 291 -1.53 -1.29 -22.77
CA GLU A 291 -2.88 -1.70 -23.21
C GLU A 291 -3.96 -1.53 -22.18
N PHE A 292 -3.59 -1.32 -20.89
CA PHE A 292 -4.58 -0.97 -19.86
C PHE A 292 -4.99 0.49 -19.85
N MET A 293 -4.28 1.33 -20.59
CA MET A 293 -4.63 2.77 -20.54
C MET A 293 -6.02 2.90 -21.13
N LEU A 294 -6.80 3.73 -20.47
CA LEU A 294 -8.16 4.00 -20.84
C LEU A 294 -8.17 5.19 -21.82
N SER A 295 -7.11 6.00 -21.83
CA SER A 295 -6.94 7.12 -22.80
C SER A 295 -5.49 7.30 -23.26
N GLN A 296 -5.32 7.93 -24.44
CA GLN A 296 -3.98 8.16 -25.00
C GLN A 296 -3.46 9.57 -24.76
N ASP A 297 -4.23 10.42 -24.07
CA ASP A 297 -3.75 11.77 -23.84
C ASP A 297 -2.52 11.76 -22.95
N VAL A 298 -1.82 12.89 -22.96
CA VAL A 298 -0.47 12.94 -22.42
C VAL A 298 -0.39 12.67 -20.91
N GLU A 299 -1.38 13.19 -20.16
CA GLU A 299 -1.54 12.97 -18.70
C GLU A 299 -1.54 11.47 -18.38
N HIS A 300 -2.26 10.69 -19.18
CA HIS A 300 -2.26 9.22 -19.08
C HIS A 300 -0.94 8.56 -19.47
N GLU A 301 -0.31 8.97 -20.56
CA GLU A 301 0.95 8.39 -20.94
C GLU A 301 1.96 8.65 -19.82
N ARG A 302 1.83 9.79 -19.13
CA ARG A 302 2.83 10.16 -18.15
C ARG A 302 2.62 9.37 -16.84
N LEU A 303 1.38 9.26 -16.40
CA LEU A 303 1.06 8.29 -15.31
C LEU A 303 1.67 6.95 -15.70
N PHE A 304 1.44 6.48 -16.91
CA PHE A 304 1.90 5.15 -17.26
C PHE A 304 3.34 5.04 -17.42
N ASP A 305 3.99 6.15 -17.78
CA ASP A 305 5.45 6.16 -17.78
C ASP A 305 6.11 5.93 -16.35
N LEU A 306 5.58 6.67 -15.45
CA LEU A 306 5.86 6.57 -14.01
C LEU A 306 5.60 5.18 -13.48
N ILE A 307 4.37 4.72 -13.67
CA ILE A 307 4.07 3.33 -13.29
C ILE A 307 5.08 2.36 -13.88
N GLN A 308 5.44 2.46 -15.18
CA GLN A 308 6.36 1.52 -15.75
C GLN A 308 7.71 1.56 -15.10
N LYS A 309 8.13 2.79 -14.77
CA LYS A 309 9.40 3.04 -14.08
C LYS A 309 9.43 2.43 -12.66
N MET A 310 8.29 2.52 -11.98
CA MET A 310 8.10 1.90 -10.64
C MET A 310 8.05 0.37 -10.75
N LEU A 311 7.59 -0.15 -11.88
CA LEU A 311 7.57 -1.56 -12.10
C LEU A 311 8.70 -2.04 -12.95
N GLU A 312 9.82 -1.33 -12.88
CA GLU A 312 11.07 -1.93 -13.33
C GLU A 312 11.47 -3.19 -12.54
N TYR A 313 11.79 -4.27 -13.24
CA TYR A 313 12.14 -5.51 -12.61
C TYR A 313 13.35 -5.41 -11.67
N ASP A 314 14.39 -4.69 -12.14
CA ASP A 314 15.70 -4.71 -11.46
C ASP A 314 15.66 -3.66 -10.38
N PRO A 315 15.72 -4.05 -9.07
CA PRO A 315 15.56 -3.00 -8.06
C PRO A 315 16.65 -1.89 -8.11
N ALA A 316 17.82 -2.24 -8.62
CA ALA A 316 18.93 -1.28 -8.84
C ALA A 316 18.64 -0.26 -9.93
N LYS A 317 17.83 -0.67 -10.93
CA LYS A 317 17.39 0.23 -11.97
C LYS A 317 16.09 0.96 -11.73
N ARG A 318 15.28 0.53 -10.73
CA ARG A 318 13.96 1.08 -10.52
C ARG A 318 14.02 2.53 -10.12
N ILE A 319 13.01 3.34 -10.48
CA ILE A 319 12.95 4.72 -10.13
C ILE A 319 12.89 4.89 -8.58
N THR A 320 13.59 5.88 -8.04
CA THR A 320 13.49 6.19 -6.62
C THR A 320 12.41 7.15 -6.35
N LEU A 321 11.90 7.21 -5.11
CA LEU A 321 10.83 8.16 -4.85
C LEU A 321 11.29 9.60 -4.97
N ARG A 322 12.57 9.84 -4.67
CA ARG A 322 13.08 11.19 -4.81
C ARG A 322 12.90 11.61 -6.30
N GLU A 323 13.18 10.64 -7.18
CA GLU A 323 13.14 10.86 -8.66
C GLU A 323 11.67 10.87 -9.08
N ALA A 324 10.85 9.96 -8.53
CA ALA A 324 9.41 10.03 -8.77
C ALA A 324 8.73 11.35 -8.44
N LEU A 325 9.09 12.01 -7.32
CA LEU A 325 8.45 13.21 -6.94
C LEU A 325 8.65 14.38 -7.96
N LYS A 326 9.60 14.24 -8.83
CA LYS A 326 9.83 15.28 -9.87
C LYS A 326 9.31 14.87 -11.23
N HIS A 327 8.56 13.78 -11.28
CA HIS A 327 8.07 13.24 -12.55
C HIS A 327 7.03 14.21 -13.09
N PRO A 328 7.02 14.37 -14.44
CA PRO A 328 6.14 15.22 -15.22
C PRO A 328 4.69 14.99 -14.87
N PHE A 329 4.35 13.72 -14.58
CA PHE A 329 3.02 13.40 -14.08
C PHE A 329 2.57 14.33 -12.96
N PHE A 330 3.48 14.79 -12.09
CA PHE A 330 3.09 15.70 -10.98
C PHE A 330 3.00 17.28 -11.16
N ASP A 331 3.29 17.79 -12.36
CA ASP A 331 3.22 19.27 -12.55
C ASP A 331 1.93 19.99 -12.29
N LEU A 332 0.79 19.43 -12.72
CA LEU A 332 -0.49 20.14 -12.55
C LEU A 332 -0.80 20.37 -11.09
N LEU A 333 0.02 19.81 -10.21
CA LEU A 333 -0.06 20.07 -8.78
C LEU A 333 0.67 21.31 -8.37
N LYS A 334 1.71 21.67 -9.12
CA LYS A 334 2.43 22.93 -8.94
C LYS A 334 1.81 24.00 -9.83
#